data_7XMK
#
_entry.id   7XMK
#
_cell.length_a   48.885
_cell.length_b   100.904
_cell.length_c   127.594
_cell.angle_alpha   90.000
_cell.angle_beta   90.000
_cell.angle_gamma   90.000
#
_symmetry.space_group_name_H-M   'P 21 21 21'
#
loop_
_entity.id
_entity.type
_entity.pdbx_description
1 polymer 'Receptor-interacting serine/threonine-protein kinase 1'
2 non-polymer 'IODIDE ION'
3 non-polymer 5-[2-(cyclopropylcarbonylamino)-[1,2,4]triazolo[1,5-a]pyridin-7-yl]-N-[(1S)-1-(3-fluorophenyl)ethyl]-1-methyl-indole-3-carboxamide
4 water water
#
_entity_poly.entity_id   1
_entity_poly.type   'polypeptide(L)'
_entity_poly.pdbx_seq_one_letter_code
;MQPDMSLNVIKMKSSDFLESAELDSGGFGKVSLAFHRTQGLMIMKTVYKGPNCIEHNEALLEEAKMMNRLRHSRVVKLLG
VIIEEGKYSLVMEYMEKGNLMHVLKAEMSTPLSVKGRIILEIIEGMAYLHGKGVIHKDLKPENILVDNDFHIKIADLGLA
SFKMWSKLNNEEHNELREVDGTAKKNGGTLYYMAPEHLNDVNAKPTEKSDVYSFAVVLWAIFANKEPYENAIAEQQLIMA
IKSGNRPDVDDITEYCPREIISLMKLCWEANPEARPTFPGIEEKFRPFYLSQLE
;
_entity_poly.pdbx_strand_id   A,B
#
loop_
_chem_comp.id
_chem_comp.type
_chem_comp.name
_chem_comp.formula
GO4 non-polymer 5-[2-(cyclopropylcarbonylamino)-[1,2,4]triazolo[1,5-a]pyridin-7-yl]-N-[(1S)-1-(3-fluorophenyl)ethyl]-1-methyl-indole-3-carboxamide 'C28 H25 F N6 O2'
IOD non-polymer 'IODIDE ION' 'I -1'
#
# COMPACT_ATOMS: atom_id res chain seq x y z
N ILE A 10 -7.94 13.43 -18.16
CA ILE A 10 -8.72 12.27 -17.69
C ILE A 10 -9.94 12.00 -18.58
N LYS A 11 -10.48 13.01 -19.25
CA LYS A 11 -11.63 12.81 -20.12
C LYS A 11 -11.19 12.47 -21.54
N MET A 12 -11.83 11.47 -22.12
CA MET A 12 -11.57 11.00 -23.47
C MET A 12 -12.84 11.09 -24.30
N LYS A 13 -12.69 10.95 -25.61
CA LYS A 13 -13.81 10.92 -26.53
C LYS A 13 -13.92 9.52 -27.13
N SER A 14 -15.15 9.13 -27.50
CA SER A 14 -15.34 7.83 -28.15
C SER A 14 -14.52 7.72 -29.43
N SER A 15 -14.28 8.84 -30.11
CA SER A 15 -13.45 8.89 -31.30
C SER A 15 -11.96 8.77 -31.00
N ASP A 16 -11.58 8.70 -29.72
CA ASP A 16 -10.21 8.40 -29.40
C ASP A 16 -9.89 6.92 -29.56
N PHE A 17 -10.85 6.13 -30.00
CA PHE A 17 -10.74 4.68 -30.05
C PHE A 17 -11.03 4.18 -31.45
N LEU A 18 -10.24 3.21 -31.90
CA LEU A 18 -10.56 2.58 -33.19
C LEU A 18 -11.97 1.98 -33.13
N GLU A 19 -12.63 1.83 -34.26
CA GLU A 19 -14.02 1.33 -34.22
C GLU A 19 -14.05 -0.19 -34.31
N SER A 20 -14.87 -0.84 -33.50
CA SER A 20 -15.02 -2.32 -33.63
C SER A 20 -16.19 -2.58 -34.58
N LYS A 30 -21.25 -5.59 -21.00
CA LYS A 30 -20.77 -4.54 -21.88
C LYS A 30 -19.28 -4.22 -21.67
N VAL A 31 -18.49 -5.19 -21.22
CA VAL A 31 -17.07 -5.00 -20.99
C VAL A 31 -16.33 -5.48 -22.23
N SER A 32 -15.65 -4.55 -22.91
CA SER A 32 -15.01 -4.84 -24.19
C SER A 32 -13.55 -4.46 -24.16
N LEU A 33 -12.77 -5.17 -24.96
CA LEU A 33 -11.43 -4.72 -25.30
C LEU A 33 -11.54 -3.50 -26.21
N ALA A 34 -10.78 -2.46 -25.89
CA ALA A 34 -10.76 -1.26 -26.72
C ALA A 34 -9.31 -0.90 -27.04
N PHE A 35 -9.11 -0.31 -28.21
CA PHE A 35 -7.79 0.16 -28.64
C PHE A 35 -7.82 1.67 -28.79
N HIS A 36 -7.15 2.36 -27.89
CA HIS A 36 -6.98 3.80 -27.97
C HIS A 36 -5.89 4.10 -29.01
N ARG A 37 -6.09 5.16 -29.81
CA ARG A 37 -5.23 5.39 -30.98
C ARG A 37 -3.79 5.64 -30.61
N THR A 38 -3.51 6.14 -29.42
CA THR A 38 -2.15 6.44 -29.03
C THR A 38 -1.67 5.59 -27.86
N GLN A 39 -2.54 5.29 -26.89
CA GLN A 39 -2.10 4.61 -25.69
C GLN A 39 -2.31 3.10 -25.74
N GLY A 40 -3.04 2.61 -26.74
CA GLY A 40 -3.09 1.17 -26.92
C GLY A 40 -4.27 0.47 -26.29
N LEU A 41 -4.06 -0.80 -25.98
CA LEU A 41 -5.11 -1.69 -25.48
C LEU A 41 -5.62 -1.26 -24.11
N MET A 42 -6.95 -1.21 -23.98
CA MET A 42 -7.60 -0.84 -22.72
C MET A 42 -8.91 -1.59 -22.62
N ILE A 43 -9.52 -1.52 -21.44
CA ILE A 43 -10.84 -2.08 -21.19
C ILE A 43 -11.85 -0.95 -21.15
N MET A 44 -12.95 -1.10 -21.86
CA MET A 44 -14.00 -0.10 -21.86
C MET A 44 -15.28 -0.75 -21.34
N LYS A 45 -15.91 -0.08 -20.38
CA LYS A 45 -17.26 -0.42 -19.92
C LYS A 45 -18.17 0.76 -20.21
N THR A 46 -19.07 0.61 -21.17
CA THR A 46 -20.11 1.61 -21.39
C THR A 46 -21.27 1.40 -20.42
N VAL A 47 -21.54 2.42 -19.60
CA VAL A 47 -22.48 2.29 -18.48
C VAL A 47 -23.92 2.68 -18.88
N TYR A 48 -24.11 3.74 -19.67
CA TYR A 48 -25.44 4.28 -19.99
C TYR A 48 -25.47 4.80 -21.43
N LYS A 49 -26.45 4.34 -22.24
CA LYS A 49 -26.56 4.78 -23.63
C LYS A 49 -27.95 5.34 -23.98
N GLY A 50 -28.63 6.01 -23.05
CA GLY A 50 -30.00 6.44 -23.24
C GLY A 50 -30.19 7.93 -23.46
N PRO A 51 -31.31 8.48 -22.97
CA PRO A 51 -31.61 9.90 -23.19
C PRO A 51 -30.67 10.80 -22.40
N ASN A 52 -30.50 11.99 -22.94
CA ASN A 52 -29.57 12.91 -22.24
C ASN A 52 -30.03 13.05 -20.80
N CYS A 53 -29.08 13.23 -19.90
CA CYS A 53 -29.29 13.43 -18.46
C CYS A 53 -28.15 14.26 -17.85
N ILE A 54 -27.90 15.46 -18.39
CA ILE A 54 -26.67 16.18 -18.06
C ILE A 54 -26.67 16.77 -16.65
N GLU A 55 -27.77 16.64 -15.91
CA GLU A 55 -27.78 17.11 -14.53
C GLU A 55 -26.80 16.34 -13.66
N HIS A 56 -26.54 15.07 -14.00
CA HIS A 56 -25.66 14.22 -13.20
C HIS A 56 -24.19 14.45 -13.49
N ASN A 57 -23.85 15.31 -14.46
CA ASN A 57 -22.56 15.21 -15.12
C ASN A 57 -21.41 15.68 -14.24
N GLU A 58 -21.61 16.76 -13.48
CA GLU A 58 -20.52 17.20 -12.63
C GLU A 58 -20.26 16.19 -11.51
N ALA A 59 -21.29 15.50 -11.04
CA ALA A 59 -21.10 14.52 -9.97
C ALA A 59 -20.48 13.23 -10.51
N LEU A 60 -20.87 12.84 -11.72
CA LEU A 60 -20.21 11.73 -12.40
C LEU A 60 -18.75 12.04 -12.69
N LEU A 61 -18.48 13.27 -13.12
CA LEU A 61 -17.10 13.66 -13.39
C LEU A 61 -16.29 13.74 -12.10
N GLU A 62 -16.89 14.16 -11.00
CA GLU A 62 -16.13 14.21 -9.76
C GLU A 62 -15.88 12.80 -9.22
N GLU A 63 -16.86 11.90 -9.36
CA GLU A 63 -16.63 10.52 -8.97
C GLU A 63 -15.55 9.86 -9.82
N ALA A 64 -15.53 10.17 -11.12
CA ALA A 64 -14.47 9.62 -11.97
C ALA A 64 -13.11 10.11 -11.50
N LYS A 65 -13.03 11.37 -11.09
CA LYS A 65 -11.78 11.92 -10.58
C LYS A 65 -11.39 11.26 -9.26
N MET A 66 -12.37 10.83 -8.44
CA MET A 66 -12.08 10.07 -7.23
C MET A 66 -11.56 8.68 -7.57
N MET A 67 -12.20 8.01 -8.54
CA MET A 67 -11.67 6.73 -9.02
C MET A 67 -10.25 6.87 -9.53
N ASN A 68 -9.97 7.94 -10.27
CA ASN A 68 -8.63 8.14 -10.83
C ASN A 68 -7.58 8.44 -9.77
N ARG A 69 -7.98 8.96 -8.61
CA ARG A 69 -7.03 9.20 -7.53
C ARG A 69 -6.76 7.96 -6.69
N LEU A 70 -7.43 6.84 -6.97
CA LEU A 70 -7.12 5.57 -6.32
C LEU A 70 -5.90 5.00 -7.06
N ARG A 71 -4.72 5.30 -6.56
CA ARG A 71 -3.46 4.96 -7.21
C ARG A 71 -2.65 4.06 -6.28
N HIS A 72 -2.65 2.78 -6.59
CA HIS A 72 -2.02 1.79 -5.74
C HIS A 72 -1.78 0.58 -6.59
N SER A 73 -0.69 -0.13 -6.30
CA SER A 73 -0.30 -1.24 -7.16
C SER A 73 -1.35 -2.36 -7.21
N ARG A 74 -2.27 -2.44 -6.23
CA ARG A 74 -3.21 -3.55 -6.20
C ARG A 74 -4.63 -3.12 -6.48
N VAL A 75 -4.82 -1.96 -7.13
CA VAL A 75 -6.12 -1.44 -7.50
C VAL A 75 -6.09 -1.11 -8.99
N VAL A 76 -7.09 -1.58 -9.74
CA VAL A 76 -7.13 -1.28 -11.17
C VAL A 76 -7.21 0.23 -11.37
N LYS A 77 -6.37 0.76 -12.27
CA LYS A 77 -6.37 2.19 -12.53
C LYS A 77 -7.44 2.53 -13.56
N LEU A 78 -8.22 3.58 -13.27
CA LEU A 78 -9.10 4.20 -14.25
C LEU A 78 -8.26 5.06 -15.18
N LEU A 79 -8.27 4.72 -16.47
CA LEU A 79 -7.46 5.46 -17.43
C LEU A 79 -8.21 6.65 -18.02
N GLY A 80 -9.52 6.58 -18.14
CA GLY A 80 -10.28 7.67 -18.72
C GLY A 80 -11.74 7.49 -18.45
N VAL A 81 -12.50 8.55 -18.73
CA VAL A 81 -13.96 8.57 -18.65
C VAL A 81 -14.49 9.25 -19.91
N ILE A 82 -15.57 8.72 -20.45
CA ILE A 82 -16.24 9.33 -21.60
C ILE A 82 -17.60 9.81 -21.14
N ILE A 83 -17.80 11.14 -21.14
CA ILE A 83 -19.06 11.81 -20.82
C ILE A 83 -19.55 12.48 -22.10
N GLU A 84 -20.44 11.83 -22.83
CA GLU A 84 -21.05 12.37 -24.05
C GLU A 84 -22.56 12.46 -23.87
N GLU A 85 -23.23 13.18 -24.76
CA GLU A 85 -24.57 13.65 -24.43
C GLU A 85 -25.57 12.49 -24.28
N GLY A 86 -25.36 11.37 -24.95
CA GLY A 86 -26.17 10.21 -24.63
C GLY A 86 -25.46 9.01 -24.00
N LYS A 87 -24.14 9.12 -23.77
CA LYS A 87 -23.29 7.95 -23.60
C LYS A 87 -22.25 8.18 -22.50
N TYR A 88 -22.15 7.26 -21.56
CA TYR A 88 -21.16 7.32 -20.47
C TYR A 88 -20.36 6.03 -20.39
N SER A 89 -19.03 6.16 -20.40
CA SER A 89 -18.12 5.03 -20.42
C SER A 89 -16.96 5.26 -19.47
N LEU A 90 -16.50 4.18 -18.84
CA LEU A 90 -15.26 4.17 -18.08
C LEU A 90 -14.23 3.29 -18.78
N VAL A 91 -12.98 3.76 -18.77
CA VAL A 91 -11.86 3.09 -19.43
C VAL A 91 -10.83 2.71 -18.36
N MET A 92 -10.51 1.41 -18.29
CA MET A 92 -9.62 0.82 -17.31
C MET A 92 -8.43 0.16 -18.00
N GLU A 93 -7.36 -0.07 -17.24
CA GLU A 93 -6.23 -0.84 -17.76
C GLU A 93 -6.61 -2.32 -17.84
N TYR A 94 -5.95 -3.02 -18.76
CA TYR A 94 -6.26 -4.41 -19.06
C TYR A 94 -5.43 -5.35 -18.18
N MET A 95 -6.05 -6.42 -17.73
CA MET A 95 -5.38 -7.44 -16.92
C MET A 95 -5.43 -8.74 -17.72
N GLU A 96 -4.24 -9.27 -18.07
CA GLU A 96 -4.11 -10.31 -19.10
C GLU A 96 -4.74 -11.65 -18.73
N LYS A 97 -4.69 -12.05 -17.46
CA LYS A 97 -5.08 -13.41 -17.12
C LYS A 97 -6.52 -13.52 -16.62
N GLY A 98 -7.29 -12.43 -16.64
CA GLY A 98 -8.66 -12.50 -16.16
C GLY A 98 -8.77 -12.48 -14.64
N ASN A 99 -9.85 -13.06 -14.13
CA ASN A 99 -10.15 -12.97 -12.72
C ASN A 99 -9.61 -14.17 -11.96
N LEU A 100 -9.67 -14.07 -10.62
CA LEU A 100 -9.02 -15.03 -9.74
C LEU A 100 -9.59 -16.44 -9.90
N MET A 101 -10.90 -16.55 -10.04
CA MET A 101 -11.53 -17.86 -10.16
C MET A 101 -11.10 -18.57 -11.44
N HIS A 102 -10.99 -17.82 -12.54
CA HIS A 102 -10.52 -18.42 -13.79
C HIS A 102 -9.11 -18.95 -13.67
N VAL A 103 -8.24 -18.20 -12.98
CA VAL A 103 -6.86 -18.63 -12.79
C VAL A 103 -6.80 -19.82 -11.83
N LEU A 104 -7.60 -19.79 -10.76
CA LEU A 104 -7.60 -20.90 -9.81
C LEU A 104 -8.05 -22.20 -10.47
N LYS A 105 -8.93 -22.12 -11.46
CA LYS A 105 -9.48 -23.26 -12.17
C LYS A 105 -8.68 -23.66 -13.41
N ALA A 106 -7.72 -22.85 -13.86
CA ALA A 106 -6.90 -23.24 -15.00
C ALA A 106 -6.21 -24.56 -14.68
N GLU A 107 -5.80 -25.29 -15.73
CA GLU A 107 -5.37 -26.66 -15.49
C GLU A 107 -3.94 -26.75 -14.99
N MET A 108 -3.14 -25.70 -15.14
CA MET A 108 -1.92 -25.61 -14.36
C MET A 108 -2.27 -25.23 -12.93
N SER A 109 -1.65 -25.96 -12.02
CA SER A 109 -1.81 -25.75 -10.59
C SER A 109 -1.10 -24.47 -10.14
N THR A 110 -1.64 -23.85 -9.08
CA THR A 110 -1.07 -22.63 -8.48
C THR A 110 -0.44 -22.92 -7.12
N PRO A 111 0.88 -22.86 -6.98
CA PRO A 111 1.52 -23.29 -5.72
C PRO A 111 1.08 -22.48 -4.50
N LEU A 112 1.34 -23.05 -3.32
CA LEU A 112 0.98 -22.38 -2.08
C LEU A 112 1.67 -21.02 -1.95
N SER A 113 2.88 -20.87 -2.50
CA SER A 113 3.60 -19.61 -2.33
C SER A 113 2.94 -18.50 -3.14
N VAL A 114 2.43 -18.83 -4.32
CA VAL A 114 1.73 -17.85 -5.14
C VAL A 114 0.36 -17.53 -4.54
N LYS A 115 -0.34 -18.55 -4.01
CA LYS A 115 -1.62 -18.30 -3.34
C LYS A 115 -1.43 -17.43 -2.11
N GLY A 116 -0.36 -17.65 -1.37
CA GLY A 116 -0.05 -16.79 -0.25
C GLY A 116 0.22 -15.36 -0.68
N ARG A 117 0.96 -15.17 -1.77
CA ARG A 117 1.24 -13.82 -2.22
C ARG A 117 -0.05 -13.11 -2.62
N ILE A 118 -0.94 -13.82 -3.32
CA ILE A 118 -2.20 -13.25 -3.77
C ILE A 118 -3.03 -12.76 -2.58
N ILE A 119 -3.10 -13.57 -1.52
CA ILE A 119 -3.84 -13.19 -0.33
C ILE A 119 -3.28 -11.89 0.28
N LEU A 120 -1.95 -11.76 0.34
CA LEU A 120 -1.34 -10.54 0.86
C LEU A 120 -1.63 -9.35 -0.03
N GLU A 121 -1.62 -9.54 -1.35
CA GLU A 121 -1.89 -8.42 -2.24
C GLU A 121 -3.35 -7.96 -2.16
N ILE A 122 -4.29 -8.92 -2.01
CA ILE A 122 -5.69 -8.56 -1.76
C ILE A 122 -5.80 -7.75 -0.48
N ILE A 123 -5.08 -8.18 0.55
CA ILE A 123 -5.09 -7.46 1.81
C ILE A 123 -4.52 -6.06 1.63
N GLU A 124 -3.37 -5.95 0.95
CA GLU A 124 -2.78 -4.64 0.68
C GLU A 124 -3.74 -3.74 -0.09
N GLY A 125 -4.34 -4.25 -1.18
CA GLY A 125 -5.27 -3.43 -1.93
C GLY A 125 -6.48 -2.98 -1.11
N MET A 126 -7.04 -3.89 -0.29
CA MET A 126 -8.22 -3.56 0.49
C MET A 126 -7.89 -2.59 1.63
N ALA A 127 -6.72 -2.75 2.25
CA ALA A 127 -6.30 -1.77 3.25
C ALA A 127 -6.17 -0.39 2.63
N TYR A 128 -5.62 -0.31 1.42
CA TYR A 128 -5.49 0.97 0.75
C TYR A 128 -6.84 1.60 0.48
N LEU A 129 -7.79 0.83 -0.06
CA LEU A 129 -9.11 1.38 -0.35
C LEU A 129 -9.80 1.87 0.92
N HIS A 130 -9.77 1.06 1.98
CA HIS A 130 -10.38 1.49 3.23
C HIS A 130 -9.65 2.71 3.79
N GLY A 131 -8.33 2.78 3.60
CA GLY A 131 -7.60 3.96 4.05
C GLY A 131 -8.01 5.23 3.33
N LYS A 132 -8.57 5.12 2.14
CA LYS A 132 -9.06 6.26 1.38
C LYS A 132 -10.55 6.47 1.56
N GLY A 133 -11.15 5.83 2.56
CA GLY A 133 -12.58 5.97 2.78
C GLY A 133 -13.45 5.35 1.71
N VAL A 134 -12.99 4.27 1.08
CA VAL A 134 -13.76 3.59 0.05
C VAL A 134 -14.17 2.23 0.59
N ILE A 135 -15.47 1.97 0.63
CA ILE A 135 -16.00 0.65 0.93
C ILE A 135 -16.26 -0.03 -0.41
N HIS A 136 -15.69 -1.21 -0.61
CA HIS A 136 -15.86 -1.84 -1.90
C HIS A 136 -17.31 -2.23 -2.13
N LYS A 137 -17.87 -3.02 -1.19
CA LYS A 137 -19.24 -3.50 -1.09
C LYS A 137 -19.55 -4.71 -1.99
N ASP A 138 -18.67 -5.09 -2.91
CA ASP A 138 -18.91 -6.24 -3.77
C ASP A 138 -17.61 -7.03 -4.00
N LEU A 139 -16.82 -7.24 -2.94
CA LEU A 139 -15.59 -8.01 -3.09
C LEU A 139 -15.92 -9.49 -3.33
N LYS A 140 -15.31 -10.08 -4.36
CA LYS A 140 -15.54 -11.45 -4.80
C LYS A 140 -14.44 -11.87 -5.79
N PRO A 141 -14.28 -13.16 -6.10
CA PRO A 141 -13.19 -13.54 -7.03
C PRO A 141 -13.29 -12.86 -8.39
N GLU A 142 -14.47 -12.52 -8.87
CA GLU A 142 -14.52 -11.87 -10.17
C GLU A 142 -14.03 -10.42 -10.14
N ASN A 143 -14.00 -9.78 -8.97
CA ASN A 143 -13.45 -8.44 -8.89
C ASN A 143 -11.96 -8.45 -8.50
N ILE A 144 -11.31 -9.58 -8.61
CA ILE A 144 -9.88 -9.70 -8.35
C ILE A 144 -9.23 -10.19 -9.64
N LEU A 145 -8.52 -9.30 -10.31
CA LEU A 145 -7.95 -9.55 -11.63
C LEU A 145 -6.47 -9.86 -11.50
N VAL A 146 -5.92 -10.56 -12.50
CA VAL A 146 -4.58 -11.13 -12.43
C VAL A 146 -3.80 -10.72 -13.68
N ASP A 147 -2.52 -10.37 -13.49
CA ASP A 147 -1.68 -10.05 -14.64
C ASP A 147 -0.85 -11.28 -14.99
N ASN A 148 0.05 -11.14 -15.96
CA ASN A 148 0.79 -12.31 -16.44
C ASN A 148 1.70 -12.89 -15.38
N ASP A 149 2.26 -12.06 -14.49
CA ASP A 149 3.15 -12.51 -13.44
C ASP A 149 2.40 -13.03 -12.20
N PHE A 150 1.07 -13.19 -12.30
CA PHE A 150 0.21 -13.63 -11.19
C PHE A 150 0.11 -12.62 -10.06
N HIS A 151 0.44 -11.35 -10.31
CA HIS A 151 0.05 -10.28 -9.42
C HIS A 151 -1.42 -9.87 -9.65
N ILE A 152 -2.07 -9.37 -8.61
CA ILE A 152 -3.50 -9.11 -8.65
C ILE A 152 -3.80 -7.63 -8.46
N LYS A 153 -4.96 -7.22 -8.99
CA LYS A 153 -5.52 -5.90 -8.71
C LYS A 153 -7.00 -6.05 -8.41
N ILE A 154 -7.48 -5.27 -7.45
CA ILE A 154 -8.91 -5.24 -7.12
C ILE A 154 -9.63 -4.34 -8.10
N ALA A 155 -10.77 -4.82 -8.60
CA ALA A 155 -11.61 -4.13 -9.59
C ALA A 155 -13.02 -3.98 -9.03
N ASP A 156 -13.83 -3.18 -9.74
CA ASP A 156 -15.25 -3.01 -9.40
C ASP A 156 -16.10 -3.15 -10.67
N LEU A 157 -16.34 -4.40 -11.07
CA LEU A 157 -17.00 -4.65 -12.36
C LEU A 157 -18.47 -4.23 -12.33
N GLY A 158 -19.16 -4.43 -11.23
CA GLY A 158 -20.54 -4.02 -11.15
C GLY A 158 -20.78 -2.60 -10.69
N LEU A 159 -19.74 -1.78 -10.57
CA LEU A 159 -19.83 -0.38 -10.12
C LEU A 159 -20.50 -0.25 -8.75
N ALA A 160 -20.22 -1.18 -7.84
CA ALA A 160 -20.84 -1.14 -6.51
C ALA A 160 -20.28 -0.06 -5.60
N SER A 161 -19.20 0.61 -5.97
CA SER A 161 -18.46 1.36 -4.97
C SER A 161 -18.73 2.87 -4.97
N PHE A 162 -19.02 3.46 -6.13
CA PHE A 162 -19.23 4.89 -6.23
C PHE A 162 -20.69 5.22 -6.50
N LYS A 163 -21.24 6.12 -5.67
CA LYS A 163 -22.69 6.26 -5.55
C LYS A 163 -23.33 6.64 -6.88
N MET A 164 -22.84 7.71 -7.51
CA MET A 164 -23.51 8.25 -8.69
C MET A 164 -23.34 7.34 -9.90
N TRP A 165 -22.16 6.73 -10.08
CA TRP A 165 -22.01 5.79 -11.19
C TRP A 165 -22.87 4.56 -10.98
N SER A 166 -23.00 4.09 -9.74
CA SER A 166 -23.94 3.01 -9.48
C SER A 166 -25.38 3.45 -9.72
N LYS A 167 -25.71 4.70 -9.35
CA LYS A 167 -27.01 5.28 -9.68
C LYS A 167 -27.23 5.31 -11.19
N LEU A 168 -26.29 5.88 -11.95
CA LEU A 168 -26.41 5.96 -13.40
C LEU A 168 -26.52 4.59 -14.05
N ASN A 169 -25.87 3.58 -13.46
CA ASN A 169 -25.94 2.23 -13.99
C ASN A 169 -27.34 1.64 -13.88
N ASN A 170 -28.15 2.12 -12.94
CA ASN A 170 -29.44 1.51 -12.62
C ASN A 170 -30.63 2.36 -13.06
N GLU A 171 -30.39 3.54 -13.61
CA GLU A 171 -31.45 4.41 -14.12
C GLU A 171 -32.13 3.78 -15.33
N GLU A 172 -33.34 4.28 -15.64
CA GLU A 172 -34.04 3.89 -16.87
C GLU A 172 -34.25 5.09 -17.79
N GLY A 188 -25.93 -10.10 -9.58
CA GLY A 188 -24.82 -10.20 -8.65
C GLY A 188 -24.89 -11.40 -7.71
N THR A 189 -23.76 -12.10 -7.56
CA THR A 189 -23.70 -13.24 -6.66
C THR A 189 -23.71 -12.81 -5.19
N LEU A 190 -24.31 -13.65 -4.35
CA LEU A 190 -24.40 -13.40 -2.91
C LEU A 190 -23.60 -14.39 -2.06
N TYR A 191 -22.75 -15.23 -2.68
CA TYR A 191 -21.92 -16.15 -1.91
C TYR A 191 -20.97 -15.40 -0.97
N TYR A 192 -20.64 -14.16 -1.31
CA TYR A 192 -19.62 -13.38 -0.63
C TYR A 192 -20.21 -12.21 0.15
N MET A 193 -21.52 -12.19 0.30
CA MET A 193 -22.20 -11.09 0.97
C MET A 193 -22.31 -11.38 2.46
N ALA A 194 -21.93 -10.41 3.29
CA ALA A 194 -22.06 -10.58 4.73
C ALA A 194 -23.53 -10.86 5.09
N PRO A 195 -23.78 -11.73 6.07
CA PRO A 195 -25.19 -12.14 6.34
C PRO A 195 -26.09 -10.98 6.72
N GLU A 196 -25.55 -9.93 7.34
CA GLU A 196 -26.36 -8.78 7.73
C GLU A 196 -26.97 -8.06 6.53
N HIS A 197 -26.43 -8.25 5.32
CA HIS A 197 -26.96 -7.60 4.13
C HIS A 197 -27.91 -8.47 3.33
N LEU A 198 -27.94 -9.77 3.62
CA LEU A 198 -28.86 -10.67 2.94
C LEU A 198 -30.28 -10.38 3.39
N ASN A 199 -31.19 -10.22 2.43
CA ASN A 199 -32.58 -9.86 2.70
C ASN A 199 -32.68 -8.52 3.42
N ASP A 200 -31.78 -7.59 3.13
CA ASP A 200 -31.77 -6.29 3.81
C ASP A 200 -31.23 -5.23 2.86
N VAL A 201 -32.14 -4.52 2.18
CA VAL A 201 -31.73 -3.53 1.19
C VAL A 201 -31.28 -2.21 1.80
N ASN A 202 -31.55 -1.98 3.08
CA ASN A 202 -31.19 -0.70 3.70
C ASN A 202 -30.02 -0.79 4.69
N ALA A 203 -29.53 -1.97 5.01
CA ALA A 203 -28.31 -2.03 5.81
C ALA A 203 -27.16 -1.38 5.03
N LYS A 204 -26.42 -0.51 5.71
CA LYS A 204 -25.33 0.23 5.07
C LYS A 204 -24.06 -0.59 5.13
N PRO A 205 -23.42 -0.89 3.99
CA PRO A 205 -22.19 -1.67 4.02
C PRO A 205 -21.08 -0.90 4.72
N THR A 206 -20.28 -1.63 5.50
CA THR A 206 -19.17 -1.07 6.26
C THR A 206 -17.86 -1.79 5.88
N GLU A 207 -16.78 -1.35 6.54
CA GLU A 207 -15.50 -2.01 6.32
C GLU A 207 -15.56 -3.48 6.69
N LYS A 208 -16.40 -3.83 7.67
CA LYS A 208 -16.56 -5.21 8.11
C LYS A 208 -17.35 -6.04 7.11
N SER A 209 -18.10 -5.40 6.22
CA SER A 209 -18.77 -6.16 5.16
C SER A 209 -17.77 -6.61 4.11
N ASP A 210 -16.75 -5.80 3.84
CA ASP A 210 -15.69 -6.21 2.93
C ASP A 210 -14.85 -7.31 3.57
N VAL A 211 -14.65 -7.23 4.90
CA VAL A 211 -13.86 -8.26 5.57
C VAL A 211 -14.55 -9.61 5.49
N TYR A 212 -15.88 -9.61 5.56
CA TYR A 212 -16.63 -10.85 5.37
C TYR A 212 -16.36 -11.44 4.00
N SER A 213 -16.37 -10.60 2.97
CA SER A 213 -16.23 -11.12 1.62
C SER A 213 -14.84 -11.67 1.40
N PHE A 214 -13.82 -10.99 1.94
CA PHE A 214 -12.45 -11.50 1.94
C PHE A 214 -12.37 -12.92 2.53
N ALA A 215 -13.11 -13.18 3.61
CA ALA A 215 -13.15 -14.51 4.23
C ALA A 215 -13.56 -15.60 3.24
N VAL A 216 -14.63 -15.35 2.48
CA VAL A 216 -15.10 -16.39 1.57
C VAL A 216 -14.17 -16.48 0.39
N VAL A 217 -13.59 -15.36 -0.04
CA VAL A 217 -12.56 -15.40 -1.08
C VAL A 217 -11.38 -16.25 -0.63
N LEU A 218 -10.99 -16.09 0.63
CA LEU A 218 -9.94 -16.92 1.21
C LEU A 218 -10.26 -18.39 1.06
N TRP A 219 -11.48 -18.78 1.45
CA TRP A 219 -11.91 -20.17 1.31
C TRP A 219 -11.85 -20.61 -0.14
N ALA A 220 -12.32 -19.76 -1.07
CA ALA A 220 -12.32 -20.11 -2.49
C ALA A 220 -10.91 -20.30 -3.04
N ILE A 221 -9.95 -19.50 -2.56
CA ILE A 221 -8.59 -19.59 -3.09
C ILE A 221 -8.02 -20.98 -2.83
N PHE A 222 -8.38 -21.60 -1.70
CA PHE A 222 -7.85 -22.90 -1.36
C PHE A 222 -8.74 -24.06 -1.81
N ALA A 223 -10.04 -23.82 -2.03
CA ALA A 223 -10.92 -24.84 -2.60
C ALA A 223 -10.85 -24.88 -4.12
N ASN A 224 -10.36 -23.83 -4.76
CA ASN A 224 -10.32 -23.73 -6.22
C ASN A 224 -11.72 -23.80 -6.86
N LYS A 225 -12.76 -23.39 -6.13
CA LYS A 225 -14.12 -23.40 -6.64
C LYS A 225 -14.98 -22.48 -5.79
N GLU A 226 -16.18 -22.18 -6.29
CA GLU A 226 -17.15 -21.42 -5.53
C GLU A 226 -17.71 -22.25 -4.38
N PRO A 227 -18.11 -21.61 -3.28
CA PRO A 227 -18.70 -22.35 -2.16
C PRO A 227 -20.14 -22.75 -2.44
N TYR A 228 -20.68 -23.51 -1.48
CA TYR A 228 -22.11 -23.84 -1.40
C TYR A 228 -22.61 -24.60 -2.63
N GLU A 229 -21.79 -25.52 -3.14
CA GLU A 229 -22.17 -26.27 -4.34
C GLU A 229 -23.45 -27.09 -4.12
N ASN A 230 -23.74 -27.46 -2.88
CA ASN A 230 -24.86 -28.32 -2.57
C ASN A 230 -26.15 -27.55 -2.29
N ALA A 231 -26.17 -26.23 -2.43
CA ALA A 231 -27.41 -25.50 -2.20
C ALA A 231 -28.38 -25.81 -3.33
N ILE A 232 -29.66 -25.98 -2.96
CA ILE A 232 -30.69 -26.27 -3.93
C ILE A 232 -31.44 -25.02 -4.35
N ALA A 233 -31.70 -24.12 -3.40
CA ALA A 233 -32.57 -22.97 -3.63
C ALA A 233 -31.97 -21.74 -2.97
N GLU A 234 -32.19 -20.59 -3.61
CA GLU A 234 -31.61 -19.34 -3.13
C GLU A 234 -32.12 -18.99 -1.73
N GLN A 235 -33.44 -19.10 -1.52
CA GLN A 235 -33.99 -18.83 -0.19
C GLN A 235 -33.46 -19.81 0.85
N GLN A 236 -33.21 -21.06 0.48
CA GLN A 236 -32.54 -21.95 1.42
C GLN A 236 -31.15 -21.43 1.76
N LEU A 237 -30.41 -20.98 0.75
CA LEU A 237 -29.03 -20.53 0.98
C LEU A 237 -29.00 -19.23 1.77
N ILE A 238 -29.85 -18.27 1.41
CA ILE A 238 -29.92 -17.01 2.15
C ILE A 238 -30.22 -17.25 3.63
N MET A 239 -31.25 -18.06 3.92
CA MET A 239 -31.65 -18.30 5.30
C MET A 239 -30.60 -19.12 6.05
N ALA A 240 -29.99 -20.10 5.38
CA ALA A 240 -28.93 -20.89 6.00
C ALA A 240 -27.75 -20.01 6.40
N ILE A 241 -27.32 -19.12 5.51
CA ILE A 241 -26.20 -18.23 5.80
C ILE A 241 -26.55 -17.26 6.93
N LYS A 242 -27.78 -16.73 6.94
CA LYS A 242 -28.16 -15.83 8.02
C LYS A 242 -28.19 -16.56 9.36
N SER A 243 -28.37 -17.87 9.36
CA SER A 243 -28.44 -18.58 10.61
C SER A 243 -27.09 -19.14 11.05
N GLY A 244 -26.06 -19.06 10.21
CA GLY A 244 -24.75 -19.47 10.66
C GLY A 244 -24.00 -20.40 9.73
N ASN A 245 -24.62 -20.84 8.63
CA ASN A 245 -23.92 -21.66 7.66
C ASN A 245 -22.76 -20.89 7.03
N ARG A 246 -21.64 -21.58 6.84
CA ARG A 246 -20.45 -21.03 6.22
C ARG A 246 -19.93 -22.04 5.20
N PRO A 247 -19.02 -21.64 4.31
CA PRO A 247 -18.40 -22.60 3.38
C PRO A 247 -17.78 -23.76 4.13
N ASP A 248 -17.83 -24.91 3.49
CA ASP A 248 -17.43 -26.19 4.08
C ASP A 248 -15.91 -26.25 4.14
N VAL A 249 -15.34 -26.08 5.33
CA VAL A 249 -13.89 -26.13 5.46
C VAL A 249 -13.34 -27.50 5.09
N ASP A 250 -14.15 -28.55 5.28
CA ASP A 250 -13.72 -29.91 4.89
C ASP A 250 -13.63 -30.08 3.39
N ASP A 251 -14.23 -29.18 2.62
CA ASP A 251 -14.21 -29.33 1.17
C ASP A 251 -12.90 -28.89 0.56
N ILE A 252 -12.01 -28.33 1.37
CA ILE A 252 -10.64 -28.08 0.98
C ILE A 252 -9.87 -29.39 1.14
N THR A 253 -9.57 -30.04 0.01
CA THR A 253 -8.73 -31.24 0.05
C THR A 253 -7.26 -30.90 -0.20
N GLU A 254 -7.00 -29.73 -0.75
CA GLU A 254 -5.61 -29.24 -0.86
C GLU A 254 -5.14 -28.84 0.53
N TYR A 255 -3.85 -28.90 0.79
CA TYR A 255 -3.31 -28.48 2.05
C TYR A 255 -3.60 -26.99 2.20
N CYS A 256 -4.11 -26.60 3.35
CA CYS A 256 -4.43 -25.20 3.58
C CYS A 256 -3.92 -24.87 4.96
N PRO A 257 -2.94 -23.97 5.10
CA PRO A 257 -2.29 -23.83 6.40
C PRO A 257 -3.31 -23.55 7.49
N ARG A 258 -3.08 -24.17 8.63
CA ARG A 258 -4.00 -24.10 9.79
C ARG A 258 -4.32 -22.66 10.19
N GLU A 259 -3.36 -21.76 10.07
CA GLU A 259 -3.65 -20.35 10.42
C GLU A 259 -4.61 -19.67 9.46
N ILE A 260 -4.68 -20.12 8.20
CA ILE A 260 -5.57 -19.45 7.24
C ILE A 260 -7.01 -19.92 7.44
N ILE A 261 -7.19 -21.15 7.92
CA ILE A 261 -8.53 -21.61 8.31
C ILE A 261 -9.04 -20.79 9.50
N SER A 262 -8.16 -20.49 10.45
CA SER A 262 -8.59 -19.66 11.58
C SER A 262 -8.88 -18.24 11.14
N LEU A 263 -8.12 -17.76 10.16
CA LEU A 263 -8.35 -16.41 9.66
C LEU A 263 -9.71 -16.27 9.00
N MET A 264 -10.03 -17.17 8.05
CA MET A 264 -11.34 -17.13 7.39
C MET A 264 -12.48 -17.21 8.40
N LYS A 265 -12.39 -18.12 9.38
CA LYS A 265 -13.43 -18.23 10.40
C LYS A 265 -13.54 -16.95 11.22
N LEU A 266 -12.40 -16.32 11.51
CA LEU A 266 -12.44 -15.03 12.20
C LEU A 266 -13.15 -13.98 11.35
N CYS A 267 -12.85 -13.96 10.04
CA CYS A 267 -13.37 -12.89 9.19
C CYS A 267 -14.83 -13.08 8.78
N TRP A 268 -15.40 -14.29 8.87
CA TRP A 268 -16.81 -14.46 8.53
C TRP A 268 -17.65 -14.67 9.80
N GLU A 269 -17.15 -14.16 10.92
CA GLU A 269 -17.92 -14.15 12.16
C GLU A 269 -19.27 -13.50 11.93
N ALA A 270 -20.31 -14.04 12.57
CA ALA A 270 -21.65 -13.48 12.43
C ALA A 270 -21.69 -12.01 12.80
N ASN A 271 -21.11 -11.65 13.94
CA ASN A 271 -21.11 -10.26 14.40
C ASN A 271 -20.02 -9.47 13.69
N PRO A 272 -20.36 -8.39 12.97
CA PRO A 272 -19.31 -7.58 12.31
C PRO A 272 -18.28 -6.99 13.27
N GLU A 273 -18.69 -6.65 14.50
CA GLU A 273 -17.73 -6.07 15.45
C GLU A 273 -16.64 -7.06 15.79
N ALA A 274 -16.92 -8.36 15.68
CA ALA A 274 -15.94 -9.40 15.92
C ALA A 274 -15.00 -9.59 14.73
N ARG A 275 -15.34 -9.03 13.56
CA ARG A 275 -14.43 -9.21 12.42
C ARG A 275 -13.25 -8.26 12.53
N PRO A 276 -12.04 -8.71 12.20
CA PRO A 276 -10.89 -7.80 12.21
C PRO A 276 -10.96 -6.77 11.08
N THR A 277 -10.05 -5.81 11.14
CA THR A 277 -9.83 -4.86 10.06
C THR A 277 -8.72 -5.36 9.14
N PHE A 278 -8.66 -4.77 7.95
CA PHE A 278 -7.61 -5.15 7.02
C PHE A 278 -6.21 -4.79 7.53
N PRO A 279 -5.95 -3.61 8.13
CA PRO A 279 -4.62 -3.42 8.75
C PRO A 279 -4.30 -4.44 9.82
N GLY A 280 -5.30 -4.83 10.61
CA GLY A 280 -5.08 -5.91 11.57
C GLY A 280 -4.82 -7.24 10.90
N ILE A 281 -5.52 -7.53 9.80
CA ILE A 281 -5.23 -8.76 9.08
C ILE A 281 -3.82 -8.73 8.50
N GLU A 282 -3.41 -7.58 7.93
CA GLU A 282 -2.07 -7.51 7.34
C GLU A 282 -0.97 -7.69 8.40
N GLU A 283 -1.21 -7.25 9.64
CA GLU A 283 -0.17 -7.36 10.67
C GLU A 283 0.02 -8.81 11.13
N LYS A 284 -1.01 -9.63 11.05
CA LYS A 284 -0.75 -11.04 11.40
C LYS A 284 -0.36 -11.83 10.15
N PHE A 285 -0.89 -11.49 8.99
CA PHE A 285 -0.65 -12.36 7.86
C PHE A 285 0.68 -12.08 7.15
N ARG A 286 1.21 -10.85 7.22
CA ARG A 286 2.48 -10.60 6.52
C ARG A 286 3.65 -11.38 7.10
N PRO A 287 3.90 -11.40 8.42
CA PRO A 287 5.03 -12.20 8.91
C PRO A 287 4.82 -13.68 8.65
N PHE A 288 3.59 -14.14 8.82
CA PHE A 288 3.26 -15.53 8.55
C PHE A 288 3.55 -15.88 7.09
N TYR A 289 3.25 -14.97 6.17
CA TYR A 289 3.54 -15.24 4.76
C TYR A 289 5.04 -15.32 4.52
N LEU A 290 5.82 -14.43 5.15
CA LEU A 290 7.26 -14.43 4.95
C LEU A 290 7.93 -15.64 5.61
N SER A 291 7.52 -16.00 6.81
CA SER A 291 8.26 -17.05 7.48
C SER A 291 7.88 -18.43 6.96
N GLN A 292 6.62 -18.63 6.57
CA GLN A 292 6.17 -19.97 6.19
C GLN A 292 5.96 -20.16 4.69
N LEU A 293 5.24 -19.25 4.03
CA LEU A 293 4.73 -19.53 2.69
C LEU A 293 5.64 -19.05 1.56
N GLU A 294 6.22 -17.86 1.69
CA GLU A 294 7.07 -17.31 0.61
C GLU A 294 8.33 -18.16 0.42
N VAL B 9 -3.46 4.86 21.12
CA VAL B 9 -2.08 4.45 21.35
C VAL B 9 -1.98 3.49 22.55
N ILE B 10 -1.17 2.43 22.47
CA ILE B 10 -0.82 1.67 23.67
C ILE B 10 0.13 2.49 24.55
N LYS B 11 -0.26 2.69 25.81
CA LYS B 11 0.61 3.25 26.82
C LYS B 11 1.27 2.07 27.54
N MET B 12 2.58 2.13 27.74
CA MET B 12 3.34 1.03 28.31
C MET B 12 4.02 1.48 29.60
N LYS B 13 4.48 0.51 30.36
CA LYS B 13 5.20 0.75 31.60
C LYS B 13 6.62 0.23 31.48
N SER B 14 7.55 0.88 32.19
CA SER B 14 8.92 0.39 32.23
C SER B 14 9.00 -0.99 32.86
N SER B 15 8.04 -1.32 33.72
CA SER B 15 7.95 -2.64 34.31
C SER B 15 7.44 -3.68 33.33
N ASP B 16 7.09 -3.27 32.12
CA ASP B 16 6.75 -4.22 31.07
C ASP B 16 7.97 -4.78 30.36
N PHE B 17 9.18 -4.41 30.75
CA PHE B 17 10.38 -4.84 30.01
C PHE B 17 11.35 -5.53 30.96
N LEU B 18 11.79 -6.72 30.55
CA LEU B 18 12.78 -7.49 31.31
C LEU B 18 14.18 -6.88 31.26
N GLU B 19 14.81 -6.89 30.09
CA GLU B 19 16.18 -6.43 29.89
C GLU B 19 16.22 -5.12 29.10
N SER B 20 17.22 -4.29 29.42
CA SER B 20 17.55 -3.12 28.61
C SER B 20 19.05 -3.10 28.32
N ALA B 21 19.41 -2.57 27.15
CA ALA B 21 20.82 -2.32 26.82
C ALA B 21 20.89 -1.20 25.79
N GLU B 22 21.74 -0.21 26.05
CA GLU B 22 21.92 0.91 25.13
C GLU B 22 22.55 0.44 23.82
N LEU B 23 22.42 1.25 22.78
CA LEU B 23 22.77 0.80 21.43
C LEU B 23 23.53 1.85 20.61
N VAL B 31 19.01 5.69 22.73
CA VAL B 31 18.18 4.61 22.17
C VAL B 31 18.59 3.25 22.71
N SER B 32 17.64 2.54 23.32
CA SER B 32 17.94 1.27 23.97
C SER B 32 17.17 0.14 23.29
N LEU B 33 17.80 -1.03 23.19
CA LEU B 33 17.10 -2.28 22.91
C LEU B 33 16.48 -2.80 24.20
N ALA B 34 15.19 -3.09 24.15
CA ALA B 34 14.46 -3.56 25.31
C ALA B 34 13.76 -4.85 24.96
N PHE B 35 13.54 -5.68 25.99
CA PHE B 35 12.90 -6.98 25.85
C PHE B 35 11.56 -6.90 26.56
N HIS B 36 10.49 -6.85 25.79
CA HIS B 36 9.14 -6.82 26.33
C HIS B 36 8.72 -8.20 26.83
N ARG B 37 7.88 -8.20 27.88
CA ARG B 37 7.54 -9.45 28.57
C ARG B 37 6.79 -10.43 27.65
N THR B 38 6.04 -9.92 26.67
CA THR B 38 5.26 -10.78 25.79
C THR B 38 5.55 -10.57 24.29
N GLN B 39 5.85 -9.34 23.88
CA GLN B 39 5.84 -8.98 22.48
C GLN B 39 7.22 -8.99 21.83
N GLY B 40 8.27 -9.20 22.61
CA GLY B 40 9.60 -9.41 22.08
C GLY B 40 10.49 -8.19 22.13
N LEU B 41 11.50 -8.22 21.26
CA LEU B 41 12.48 -7.15 21.17
C LEU B 41 11.82 -5.87 20.66
N MET B 42 12.21 -4.76 21.24
CA MET B 42 11.70 -3.47 20.84
C MET B 42 12.82 -2.45 20.98
N ILE B 43 12.66 -1.32 20.32
CA ILE B 43 13.59 -0.21 20.45
C ILE B 43 12.91 0.85 21.29
N MET B 44 13.60 1.34 22.29
CA MET B 44 13.08 2.38 23.17
C MET B 44 13.98 3.59 23.04
N LYS B 45 13.38 4.75 22.79
CA LYS B 45 14.11 6.00 22.84
C LYS B 45 13.53 6.79 24.01
N THR B 46 14.29 6.87 25.09
CA THR B 46 13.89 7.73 26.18
C THR B 46 14.28 9.14 25.77
N VAL B 47 13.28 10.00 25.61
CA VAL B 47 13.48 11.33 25.08
C VAL B 47 13.81 12.31 26.19
N TYR B 48 13.17 12.13 27.35
CA TYR B 48 13.28 13.04 28.48
C TYR B 48 13.37 12.17 29.72
N ILE B 54 4.29 18.99 33.46
CA ILE B 54 2.94 18.51 33.12
C ILE B 54 2.21 19.48 32.19
N GLU B 55 2.92 20.54 31.76
CA GLU B 55 2.36 21.51 30.83
C GLU B 55 2.02 20.87 29.48
N HIS B 56 2.79 19.86 29.12
CA HIS B 56 3.00 19.17 27.85
C HIS B 56 2.05 18.04 27.47
N ASN B 57 1.20 17.59 28.37
CA ASN B 57 0.78 16.20 28.33
C ASN B 57 -0.31 15.90 27.28
N GLU B 58 -1.38 16.71 27.21
CA GLU B 58 -2.38 16.33 26.20
C GLU B 58 -1.83 16.45 24.78
N ALA B 59 -0.96 17.42 24.52
CA ALA B 59 -0.38 17.58 23.19
C ALA B 59 0.72 16.55 22.95
N LEU B 60 1.49 16.22 23.99
CA LEU B 60 2.49 15.16 23.87
C LEU B 60 1.81 13.83 23.56
N LEU B 61 0.70 13.54 24.24
CA LEU B 61 0.01 12.30 23.93
C LEU B 61 -0.64 12.37 22.56
N GLU B 62 -1.07 13.56 22.12
CA GLU B 62 -1.75 13.67 20.83
C GLU B 62 -0.78 13.47 19.67
N GLU B 63 0.46 13.96 19.81
CA GLU B 63 1.46 13.68 18.79
C GLU B 63 1.72 12.18 18.67
N ALA B 64 1.81 11.48 19.80
CA ALA B 64 2.03 10.04 19.79
C ALA B 64 0.84 9.31 19.19
N LYS B 65 -0.35 9.81 19.47
CA LYS B 65 -1.60 9.20 18.95
C LYS B 65 -1.56 9.35 17.44
N MET B 66 -0.88 10.39 17.01
CA MET B 66 -0.81 10.63 15.56
C MET B 66 0.30 9.77 14.96
N MET B 67 1.47 9.73 15.59
CA MET B 67 2.49 8.81 15.09
C MET B 67 1.96 7.40 14.91
N ASN B 68 1.11 6.94 15.84
CA ASN B 68 0.63 5.57 15.84
C ASN B 68 -0.29 5.27 14.66
N ARG B 69 -0.77 6.31 14.01
CA ARG B 69 -1.68 6.14 12.86
C ARG B 69 -0.91 5.80 11.58
N LEU B 70 0.41 5.90 11.58
CA LEU B 70 1.25 5.55 10.44
C LEU B 70 1.42 4.04 10.50
N ARG B 71 0.56 3.34 9.76
CA ARG B 71 0.54 1.88 9.74
C ARG B 71 0.77 1.44 8.30
N HIS B 72 1.96 0.91 8.01
CA HIS B 72 2.34 0.55 6.67
C HIS B 72 3.52 -0.41 6.75
N SER B 73 3.59 -1.34 5.80
CA SER B 73 4.63 -2.35 5.85
C SER B 73 6.03 -1.77 5.72
N ARG B 74 6.19 -0.55 5.17
CA ARG B 74 7.51 0.03 4.94
C ARG B 74 7.79 1.24 5.83
N VAL B 75 7.04 1.40 6.93
CA VAL B 75 7.24 2.50 7.85
C VAL B 75 7.35 1.90 9.24
N VAL B 76 8.39 2.30 10.00
CA VAL B 76 8.56 1.79 11.36
C VAL B 76 7.35 2.17 12.18
N LYS B 77 6.77 1.19 12.89
CA LYS B 77 5.56 1.41 13.67
C LYS B 77 5.86 1.85 15.10
N LEU B 78 5.13 2.86 15.58
CA LEU B 78 5.13 3.16 17.01
C LEU B 78 4.30 2.11 17.73
N LEU B 79 4.93 1.33 18.59
CA LEU B 79 4.23 0.27 19.31
C LEU B 79 3.63 0.75 20.62
N GLY B 80 4.27 1.70 21.28
CA GLY B 80 3.79 2.19 22.55
C GLY B 80 4.56 3.42 22.97
N VAL B 81 4.01 4.06 23.99
CA VAL B 81 4.64 5.24 24.60
C VAL B 81 4.64 5.01 26.10
N ILE B 82 5.71 5.44 26.75
CA ILE B 82 5.83 5.36 28.20
C ILE B 82 5.77 6.80 28.71
N ILE B 83 4.71 7.12 29.44
CA ILE B 83 4.59 8.41 30.10
C ILE B 83 4.70 8.17 31.58
N GLU B 84 5.92 8.28 32.11
CA GLU B 84 6.16 8.17 33.54
C GLU B 84 6.75 9.49 34.02
N GLU B 85 6.65 9.73 35.33
CA GLU B 85 6.74 11.12 35.76
C GLU B 85 8.15 11.69 35.64
N GLY B 86 9.18 10.86 35.66
CA GLY B 86 10.52 11.33 35.33
C GLY B 86 10.96 10.89 33.95
N LYS B 87 10.08 10.27 33.17
CA LYS B 87 10.45 9.45 32.03
C LYS B 87 9.45 9.65 30.88
N TYR B 88 9.95 9.98 29.69
CA TYR B 88 9.11 9.99 28.50
C TYR B 88 9.84 9.19 27.42
N SER B 89 9.19 8.15 26.90
CA SER B 89 9.84 7.20 26.01
C SER B 89 8.92 6.83 24.86
N LEU B 90 9.53 6.58 23.70
CA LEU B 90 8.84 6.01 22.55
C LEU B 90 9.34 4.60 22.29
N VAL B 91 8.42 3.68 22.01
CA VAL B 91 8.73 2.28 21.78
C VAL B 91 8.39 1.93 20.33
N MET B 92 9.40 1.52 19.57
CA MET B 92 9.27 1.25 18.15
C MET B 92 9.60 -0.21 17.89
N GLU B 93 9.17 -0.73 16.74
CA GLU B 93 9.56 -2.07 16.37
C GLU B 93 11.04 -2.10 16.00
N TYR B 94 11.66 -3.24 16.23
CA TYR B 94 13.08 -3.42 16.07
C TYR B 94 13.38 -3.91 14.65
N MET B 95 14.42 -3.35 14.04
CA MET B 95 14.89 -3.76 12.73
C MET B 95 16.27 -4.39 12.91
N GLU B 96 16.37 -5.67 12.57
CA GLU B 96 17.49 -6.51 13.00
C GLU B 96 18.84 -6.09 12.42
N LYS B 97 18.89 -5.62 11.17
CA LYS B 97 20.15 -5.40 10.48
C LYS B 97 20.64 -3.95 10.55
N GLY B 98 19.96 -3.06 11.28
CA GLY B 98 20.41 -1.67 11.35
C GLY B 98 20.03 -0.85 10.13
N ASN B 99 20.80 0.20 9.88
CA ASN B 99 20.39 1.10 8.82
C ASN B 99 21.03 0.73 7.48
N LEU B 100 20.54 1.38 6.42
CA LEU B 100 20.89 0.98 5.06
C LEU B 100 22.39 1.12 4.79
N MET B 101 23.02 2.19 5.30
CA MET B 101 24.44 2.40 5.05
C MET B 101 25.28 1.32 5.73
N HIS B 102 24.91 0.93 6.94
CA HIS B 102 25.60 -0.18 7.58
C HIS B 102 25.48 -1.47 6.76
N VAL B 103 24.31 -1.72 6.14
CA VAL B 103 24.13 -2.92 5.33
C VAL B 103 24.90 -2.82 4.00
N LEU B 104 24.86 -1.67 3.33
CA LEU B 104 25.57 -1.51 2.05
C LEU B 104 27.08 -1.64 2.21
N LYS B 105 27.62 -1.27 3.37
CA LYS B 105 29.05 -1.37 3.59
C LYS B 105 29.51 -2.74 4.11
N ALA B 106 28.60 -3.61 4.52
CA ALA B 106 28.99 -4.95 4.93
C ALA B 106 29.66 -5.69 3.77
N GLU B 107 30.52 -6.65 4.10
CA GLU B 107 31.22 -7.30 3.00
C GLU B 107 30.43 -8.46 2.42
N MET B 108 29.28 -8.83 3.00
CA MET B 108 28.33 -9.62 2.22
C MET B 108 27.75 -8.72 1.14
N SER B 109 27.75 -9.17 -0.11
CA SER B 109 27.30 -8.35 -1.23
C SER B 109 25.77 -8.24 -1.28
N THR B 110 25.31 -7.11 -1.80
CA THR B 110 23.89 -6.93 -2.05
C THR B 110 23.67 -6.93 -3.55
N PRO B 111 23.10 -7.97 -4.13
CA PRO B 111 22.92 -8.01 -5.58
C PRO B 111 21.98 -6.90 -6.05
N LEU B 112 22.03 -6.65 -7.35
CA LEU B 112 21.20 -5.61 -7.94
C LEU B 112 19.71 -5.85 -7.69
N SER B 113 19.29 -7.11 -7.61
CA SER B 113 17.88 -7.41 -7.43
C SER B 113 17.40 -7.01 -6.04
N VAL B 114 18.24 -7.17 -5.03
CA VAL B 114 17.89 -6.72 -3.69
C VAL B 114 17.96 -5.19 -3.59
N LYS B 115 18.93 -4.56 -4.25
CA LYS B 115 18.99 -3.10 -4.28
C LYS B 115 17.76 -2.52 -4.95
N GLY B 116 17.31 -3.15 -6.05
CA GLY B 116 16.08 -2.71 -6.68
C GLY B 116 14.88 -2.84 -5.77
N ARG B 117 14.77 -3.95 -5.06
CA ARG B 117 13.62 -4.09 -4.18
C ARG B 117 13.67 -3.03 -3.08
N ILE B 118 14.85 -2.75 -2.56
CA ILE B 118 14.98 -1.72 -1.53
C ILE B 118 14.49 -0.37 -2.07
N ILE B 119 14.88 -0.04 -3.30
CA ILE B 119 14.45 1.21 -3.89
C ILE B 119 12.92 1.24 -4.00
N LEU B 120 12.32 0.14 -4.46
CA LEU B 120 10.87 0.12 -4.58
C LEU B 120 10.19 0.25 -3.22
N GLU B 121 10.76 -0.38 -2.18
CA GLU B 121 10.14 -0.30 -0.87
C GLU B 121 10.27 1.10 -0.27
N ILE B 122 11.41 1.77 -0.49
CA ILE B 122 11.53 3.17 -0.09
C ILE B 122 10.45 4.00 -0.75
N ILE B 123 10.19 3.76 -2.04
CA ILE B 123 9.17 4.49 -2.78
C ILE B 123 7.79 4.24 -2.19
N GLU B 124 7.45 2.97 -1.96
CA GLU B 124 6.16 2.65 -1.35
C GLU B 124 6.01 3.37 -0.01
N GLY B 125 7.04 3.29 0.85
CA GLY B 125 6.97 3.95 2.13
C GLY B 125 6.81 5.45 2.00
N MET B 126 7.53 6.05 1.06
CA MET B 126 7.46 7.50 0.93
C MET B 126 6.11 7.94 0.35
N ALA B 127 5.57 7.18 -0.61
CA ALA B 127 4.25 7.47 -1.14
C ALA B 127 3.18 7.37 -0.04
N TYR B 128 3.28 6.37 0.83
CA TYR B 128 2.31 6.22 1.90
C TYR B 128 2.34 7.42 2.85
N LEU B 129 3.54 7.87 3.25
CA LEU B 129 3.65 9.00 4.17
C LEU B 129 3.08 10.27 3.56
N HIS B 130 3.42 10.54 2.29
CA HIS B 130 2.87 11.71 1.62
C HIS B 130 1.35 11.63 1.53
N GLY B 131 0.82 10.43 1.29
CA GLY B 131 -0.62 10.22 1.27
C GLY B 131 -1.29 10.51 2.61
N LYS B 132 -0.53 10.51 3.69
CA LYS B 132 -1.02 10.89 5.01
C LYS B 132 -0.65 12.33 5.36
N GLY B 133 -0.17 13.11 4.39
CA GLY B 133 0.21 14.49 4.65
C GLY B 133 1.40 14.59 5.57
N VAL B 134 2.29 13.62 5.54
CA VAL B 134 3.51 13.61 6.34
C VAL B 134 4.65 13.90 5.37
N ILE B 135 5.38 14.97 5.61
CA ILE B 135 6.61 15.27 4.91
C ILE B 135 7.71 14.83 5.84
N HIS B 136 8.56 13.93 5.36
CA HIS B 136 9.58 13.36 6.23
C HIS B 136 10.58 14.42 6.66
N LYS B 137 11.19 15.09 5.69
CA LYS B 137 12.13 16.21 5.78
C LYS B 137 13.53 15.75 6.16
N ASP B 138 13.73 14.50 6.56
CA ASP B 138 15.07 14.03 6.90
C ASP B 138 15.32 12.62 6.34
N LEU B 139 14.90 12.38 5.10
CA LEU B 139 15.17 11.08 4.50
C LEU B 139 16.66 10.97 4.20
N LYS B 140 17.25 9.89 4.65
CA LYS B 140 18.67 9.61 4.48
C LYS B 140 18.91 8.17 4.90
N PRO B 141 20.06 7.58 4.55
CA PRO B 141 20.27 6.16 4.83
C PRO B 141 20.19 5.79 6.30
N GLU B 142 20.52 6.72 7.21
CA GLU B 142 20.40 6.40 8.63
C GLU B 142 18.95 6.26 9.06
N ASN B 143 18.02 6.85 8.30
CA ASN B 143 16.59 6.72 8.54
C ASN B 143 15.96 5.60 7.71
N ILE B 144 16.75 4.71 7.13
CA ILE B 144 16.23 3.58 6.38
C ILE B 144 16.76 2.32 7.03
N LEU B 145 15.88 1.60 7.69
CA LEU B 145 16.23 0.45 8.51
C LEU B 145 15.91 -0.83 7.75
N VAL B 146 16.60 -1.90 8.11
CA VAL B 146 16.60 -3.15 7.34
C VAL B 146 16.36 -4.31 8.29
N ASP B 147 15.54 -5.27 7.88
CA ASP B 147 15.29 -6.44 8.71
C ASP B 147 16.15 -7.63 8.28
N ASN B 148 15.86 -8.79 8.88
CA ASN B 148 16.63 -9.98 8.62
C ASN B 148 16.51 -10.41 7.16
N ASP B 149 15.35 -10.19 6.53
CA ASP B 149 15.10 -10.53 5.15
C ASP B 149 15.51 -9.45 4.15
N PHE B 150 16.20 -8.40 4.60
CA PHE B 150 16.60 -7.25 3.78
C PHE B 150 15.41 -6.40 3.30
N HIS B 151 14.24 -6.54 3.90
CA HIS B 151 13.18 -5.56 3.71
C HIS B 151 13.46 -4.32 4.55
N ILE B 152 12.95 -3.18 4.09
CA ILE B 152 13.27 -1.91 4.70
C ILE B 152 12.02 -1.26 5.27
N LYS B 153 12.24 -0.38 6.25
CA LYS B 153 11.24 0.52 6.82
C LYS B 153 11.83 1.91 6.99
N ILE B 154 11.03 2.92 6.67
CA ILE B 154 11.41 4.31 6.89
C ILE B 154 11.18 4.68 8.34
N ALA B 155 12.17 5.30 8.94
CA ALA B 155 12.14 5.69 10.34
C ALA B 155 12.36 7.19 10.43
N ASP B 156 12.16 7.77 11.62
CA ASP B 156 12.45 9.18 11.89
C ASP B 156 13.22 9.29 13.21
N LEU B 157 14.52 9.02 13.17
CA LEU B 157 15.31 8.99 14.40
C LEU B 157 15.44 10.37 15.02
N GLY B 158 15.55 11.40 14.19
CA GLY B 158 15.66 12.75 14.70
C GLY B 158 14.36 13.41 15.06
N LEU B 159 13.25 12.67 15.05
CA LEU B 159 11.95 13.24 15.43
C LEU B 159 11.67 14.49 14.61
N ALA B 160 12.09 14.45 13.34
CA ALA B 160 12.04 15.64 12.51
C ALA B 160 10.62 16.04 12.13
N SER B 161 9.62 15.19 12.30
CA SER B 161 8.32 15.58 11.81
C SER B 161 7.38 16.06 12.91
N PHE B 162 7.51 15.55 14.13
CA PHE B 162 6.59 15.93 15.19
C PHE B 162 7.29 16.90 16.13
N LYS B 163 6.72 18.10 16.24
CA LYS B 163 7.43 19.25 16.80
C LYS B 163 7.73 19.07 18.28
N MET B 164 6.71 18.76 19.08
CA MET B 164 6.88 18.78 20.53
C MET B 164 7.76 17.63 21.01
N TRP B 165 7.61 16.44 20.43
CA TRP B 165 8.52 15.37 20.85
C TRP B 165 9.97 15.72 20.49
N SER B 166 10.19 16.33 19.33
CA SER B 166 11.53 16.84 19.03
C SER B 166 11.92 17.97 19.97
N LYS B 167 10.95 18.80 20.37
CA LYS B 167 11.19 19.81 21.40
C LYS B 167 11.84 19.17 22.61
N LEU B 168 11.21 18.14 23.16
CA LEU B 168 11.76 17.37 24.27
C LEU B 168 13.07 16.68 23.88
N THR B 189 23.98 15.46 9.08
CA THR B 189 24.42 15.56 7.70
C THR B 189 23.48 16.45 6.86
N LEU B 190 24.08 17.19 5.92
CA LEU B 190 23.34 18.00 4.97
C LEU B 190 23.46 17.47 3.55
N TYR B 191 24.06 16.29 3.37
CA TYR B 191 24.24 15.72 2.04
C TYR B 191 22.93 15.39 1.35
N TYR B 192 21.84 15.18 2.10
CA TYR B 192 20.57 14.78 1.51
C TYR B 192 19.56 15.92 1.54
N MET B 193 19.98 17.14 1.88
CA MET B 193 19.08 18.26 2.01
C MET B 193 18.96 18.97 0.65
N ALA B 194 17.72 19.13 0.20
CA ALA B 194 17.47 19.81 -1.06
C ALA B 194 18.03 21.23 -0.99
N PRO B 195 18.58 21.74 -2.09
CA PRO B 195 19.26 23.04 -2.03
C PRO B 195 18.35 24.20 -1.57
N GLU B 196 17.03 24.13 -1.79
CA GLU B 196 16.20 25.23 -1.32
C GLU B 196 16.18 25.37 0.21
N HIS B 197 16.55 24.34 0.95
CA HIS B 197 16.60 24.45 2.41
C HIS B 197 17.98 24.77 2.92
N LEU B 198 18.99 24.67 2.07
CA LEU B 198 20.34 25.05 2.47
C LEU B 198 20.42 26.57 2.57
N ASN B 199 20.96 27.04 3.69
CA ASN B 199 21.04 28.47 3.98
C ASN B 199 19.66 29.15 3.92
N ASP B 200 18.59 28.40 4.17
CA ASP B 200 17.24 28.99 4.27
C ASP B 200 16.41 28.10 5.17
N VAL B 201 16.41 28.41 6.46
CA VAL B 201 15.67 27.61 7.42
C VAL B 201 14.21 27.97 7.50
N ASN B 202 13.77 29.03 6.83
CA ASN B 202 12.39 29.45 6.96
C ASN B 202 11.51 28.97 5.81
N ALA B 203 12.10 28.47 4.73
CA ALA B 203 11.32 27.88 3.66
C ALA B 203 10.56 26.67 4.18
N LYS B 204 9.34 26.51 3.72
CA LYS B 204 8.52 25.42 4.17
C LYS B 204 8.86 24.16 3.37
N PRO B 205 9.23 23.07 4.02
CA PRO B 205 9.49 21.81 3.28
C PRO B 205 8.24 21.29 2.60
N THR B 206 8.43 20.70 1.42
CA THR B 206 7.34 20.09 0.65
C THR B 206 7.65 18.62 0.36
N GLU B 207 6.69 17.97 -0.30
CA GLU B 207 6.92 16.62 -0.77
C GLU B 207 8.13 16.59 -1.69
N LYS B 208 8.40 17.69 -2.42
CA LYS B 208 9.53 17.71 -3.33
C LYS B 208 10.87 17.75 -2.60
N SER B 209 10.89 18.17 -1.33
CA SER B 209 12.12 18.11 -0.56
C SER B 209 12.53 16.68 -0.26
N ASP B 210 11.53 15.77 -0.07
CA ASP B 210 11.84 14.36 0.16
C ASP B 210 12.30 13.67 -1.13
N VAL B 211 11.76 14.07 -2.27
CA VAL B 211 12.21 13.53 -3.55
C VAL B 211 13.69 13.85 -3.80
N TYR B 212 14.13 15.06 -3.46
CA TYR B 212 15.56 15.35 -3.56
C TYR B 212 16.34 14.39 -2.67
N SER B 213 15.85 14.10 -1.47
CA SER B 213 16.59 13.24 -0.56
C SER B 213 16.63 11.82 -1.10
N PHE B 214 15.53 11.38 -1.69
CA PHE B 214 15.50 10.10 -2.35
C PHE B 214 16.60 9.99 -3.42
N ALA B 215 16.80 11.04 -4.20
CA ALA B 215 17.81 11.02 -5.26
C ALA B 215 19.19 10.68 -4.70
N VAL B 216 19.59 11.34 -3.61
CA VAL B 216 20.92 11.11 -3.06
C VAL B 216 21.00 9.74 -2.40
N VAL B 217 19.89 9.24 -1.84
CA VAL B 217 19.85 7.85 -1.35
C VAL B 217 20.11 6.89 -2.49
N LEU B 218 19.55 7.17 -3.68
CA LEU B 218 19.81 6.36 -4.87
C LEU B 218 21.29 6.29 -5.17
N TRP B 219 21.96 7.43 -5.18
CA TRP B 219 23.40 7.46 -5.43
C TRP B 219 24.13 6.62 -4.39
N ALA B 220 23.79 6.82 -3.11
CA ALA B 220 24.44 6.09 -2.04
C ALA B 220 24.20 4.60 -2.15
N ILE B 221 23.01 4.19 -2.62
CA ILE B 221 22.72 2.76 -2.70
C ILE B 221 23.71 2.10 -3.66
N PHE B 222 24.08 2.79 -4.73
CA PHE B 222 24.95 2.21 -5.74
C PHE B 222 26.43 2.52 -5.56
N ALA B 223 26.79 3.56 -4.82
CA ALA B 223 28.20 3.78 -4.48
C ALA B 223 28.64 3.03 -3.24
N ASN B 224 27.70 2.59 -2.39
CA ASN B 224 27.98 1.95 -1.11
C ASN B 224 28.75 2.88 -0.15
N LYS B 225 28.53 4.18 -0.24
CA LYS B 225 29.16 5.13 0.67
C LYS B 225 28.39 6.45 0.67
N GLU B 226 28.72 7.29 1.65
CA GLU B 226 28.20 8.64 1.69
C GLU B 226 28.82 9.49 0.58
N PRO B 227 28.09 10.45 0.05
CA PRO B 227 28.63 11.32 -1.00
C PRO B 227 29.57 12.40 -0.44
N TYR B 228 30.18 13.15 -1.36
CA TYR B 228 30.98 14.34 -1.03
C TYR B 228 32.11 14.00 -0.07
N GLU B 229 32.78 12.88 -0.32
CA GLU B 229 33.82 12.36 0.58
C GLU B 229 34.95 13.36 0.84
N GLU B 234 32.14 23.21 4.74
CA GLU B 234 30.68 23.14 4.66
C GLU B 234 30.09 24.34 3.92
N GLN B 235 30.48 25.56 4.29
CA GLN B 235 29.95 26.71 3.56
C GLN B 235 30.37 26.68 2.09
N GLN B 236 31.59 26.22 1.81
CA GLN B 236 32.03 26.04 0.42
C GLN B 236 31.19 24.97 -0.27
N LEU B 237 30.99 23.83 0.38
CA LEU B 237 30.22 22.75 -0.22
C LEU B 237 28.75 23.12 -0.34
N ILE B 238 28.20 23.76 0.71
CA ILE B 238 26.81 24.22 0.67
C ILE B 238 26.58 25.09 -0.56
N MET B 239 27.48 26.03 -0.82
CA MET B 239 27.26 26.95 -1.94
C MET B 239 27.38 26.23 -3.27
N ALA B 240 28.36 25.32 -3.39
CA ALA B 240 28.49 24.51 -4.60
C ALA B 240 27.23 23.70 -4.86
N ILE B 241 26.66 23.10 -3.80
CA ILE B 241 25.39 22.39 -3.98
C ILE B 241 24.28 23.35 -4.40
N LYS B 242 24.23 24.54 -3.79
CA LYS B 242 23.16 25.48 -4.15
C LYS B 242 23.27 25.95 -5.60
N SER B 243 24.48 25.94 -6.18
CA SER B 243 24.66 26.33 -7.57
C SER B 243 24.64 25.15 -8.54
N GLY B 244 24.58 23.91 -8.06
CA GLY B 244 24.35 22.77 -8.93
C GLY B 244 25.22 21.56 -8.71
N ASN B 245 26.18 21.64 -7.79
CA ASN B 245 26.99 20.47 -7.49
C ASN B 245 26.10 19.34 -6.99
N ARG B 246 26.39 18.12 -7.44
CA ARG B 246 25.69 16.91 -7.05
C ARG B 246 26.71 15.81 -6.76
N PRO B 247 26.31 14.70 -6.13
CA PRO B 247 27.24 13.58 -6.00
C PRO B 247 27.77 13.11 -7.35
N ASP B 248 29.04 12.72 -7.34
CA ASP B 248 29.77 12.34 -8.54
C ASP B 248 29.27 10.99 -9.04
N VAL B 249 28.57 11.00 -10.18
CA VAL B 249 28.08 9.74 -10.73
C VAL B 249 29.22 8.81 -11.17
N ASP B 250 30.34 9.37 -11.62
CA ASP B 250 31.47 8.54 -12.03
C ASP B 250 32.09 7.81 -10.87
N ASP B 251 31.75 8.20 -9.64
CA ASP B 251 32.28 7.51 -8.48
C ASP B 251 31.52 6.25 -8.12
N ILE B 252 30.44 5.95 -8.85
CA ILE B 252 29.76 4.66 -8.78
C ILE B 252 30.55 3.70 -9.65
N THR B 253 31.24 2.75 -9.03
CA THR B 253 31.98 1.75 -9.81
C THR B 253 31.18 0.47 -10.05
N GLU B 254 30.22 0.20 -9.18
CA GLU B 254 29.31 -0.91 -9.33
C GLU B 254 28.44 -0.69 -10.58
N TYR B 255 27.86 -1.77 -11.08
CA TYR B 255 26.97 -1.62 -12.22
C TYR B 255 25.68 -0.92 -11.81
N CYS B 256 25.28 0.04 -12.62
CA CYS B 256 24.10 0.82 -12.30
C CYS B 256 23.27 1.03 -13.56
N PRO B 257 22.06 0.48 -13.62
CA PRO B 257 21.24 0.57 -14.84
C PRO B 257 21.00 2.02 -15.24
N ARG B 258 20.87 2.23 -16.55
CA ARG B 258 20.72 3.58 -17.08
C ARG B 258 19.47 4.27 -16.54
N GLU B 259 18.39 3.53 -16.31
CA GLU B 259 17.17 4.16 -15.82
C GLU B 259 17.34 4.72 -14.43
N ILE B 260 18.22 4.12 -13.62
CA ILE B 260 18.39 4.57 -12.24
C ILE B 260 19.32 5.77 -12.18
N ILE B 261 20.24 5.89 -13.13
CA ILE B 261 21.02 7.12 -13.25
C ILE B 261 20.14 8.28 -13.70
N SER B 262 19.23 8.04 -14.63
CA SER B 262 18.36 9.14 -15.05
C SER B 262 17.38 9.53 -13.96
N LEU B 263 16.86 8.55 -13.22
CA LEU B 263 15.95 8.85 -12.13
C LEU B 263 16.63 9.71 -11.09
N MET B 264 17.85 9.31 -10.72
CA MET B 264 18.67 10.06 -9.79
C MET B 264 18.79 11.52 -10.21
N LYS B 265 19.15 11.75 -11.48
CA LYS B 265 19.30 13.12 -11.98
C LYS B 265 17.96 13.83 -12.03
N LEU B 266 16.90 13.13 -12.41
CA LEU B 266 15.58 13.73 -12.38
C LEU B 266 15.20 14.19 -10.98
N CYS B 267 15.40 13.32 -10.00
CA CYS B 267 14.93 13.59 -8.63
C CYS B 267 15.75 14.67 -7.93
N TRP B 268 16.94 14.99 -8.43
CA TRP B 268 17.75 16.01 -7.73
C TRP B 268 17.88 17.28 -8.54
N GLU B 269 16.89 17.59 -9.36
CA GLU B 269 16.86 18.81 -10.18
C GLU B 269 16.83 20.02 -9.26
N ALA B 270 17.65 21.03 -9.56
CA ALA B 270 17.66 22.25 -8.76
C ALA B 270 16.25 22.77 -8.53
N ASN B 271 15.47 22.86 -9.58
CA ASN B 271 14.12 23.39 -9.45
C ASN B 271 13.23 22.32 -8.83
N PRO B 272 12.63 22.58 -7.66
CA PRO B 272 11.71 21.59 -7.07
C PRO B 272 10.57 21.23 -7.99
N GLU B 273 10.19 22.16 -8.87
CA GLU B 273 9.07 21.94 -9.78
C GLU B 273 9.35 20.82 -10.76
N ALA B 274 10.62 20.62 -11.13
CA ALA B 274 10.96 19.61 -12.11
C ALA B 274 10.98 18.20 -11.54
N ARG B 275 11.02 18.05 -10.21
CA ARG B 275 11.15 16.74 -9.60
C ARG B 275 9.82 16.01 -9.65
N PRO B 276 9.83 14.70 -9.89
CA PRO B 276 8.58 13.93 -9.85
C PRO B 276 8.05 13.79 -8.42
N THR B 277 6.85 13.24 -8.31
CA THR B 277 6.30 12.79 -7.05
C THR B 277 6.56 11.29 -6.88
N PHE B 278 6.42 10.81 -5.64
CA PHE B 278 6.60 9.38 -5.40
C PHE B 278 5.58 8.50 -6.12
N PRO B 279 4.27 8.82 -6.17
CA PRO B 279 3.41 8.02 -7.06
C PRO B 279 3.86 8.08 -8.52
N GLY B 280 4.39 9.23 -8.95
CA GLY B 280 4.96 9.30 -10.29
C GLY B 280 6.19 8.42 -10.46
N ILE B 281 7.07 8.38 -9.46
CA ILE B 281 8.25 7.51 -9.55
C ILE B 281 7.83 6.04 -9.55
N GLU B 282 6.84 5.69 -8.72
CA GLU B 282 6.42 4.29 -8.62
C GLU B 282 5.84 3.75 -9.92
N GLU B 283 5.18 4.57 -10.72
CA GLU B 283 4.61 4.05 -11.97
C GLU B 283 5.70 3.79 -12.99
N LYS B 284 6.81 4.50 -12.92
CA LYS B 284 7.91 4.13 -13.83
C LYS B 284 8.76 3.03 -13.20
N PHE B 285 9.00 3.06 -11.90
CA PHE B 285 10.01 2.14 -11.39
C PHE B 285 9.45 0.75 -11.09
N ARG B 286 8.17 0.62 -10.73
CA ARG B 286 7.63 -0.71 -10.43
C ARG B 286 7.69 -1.64 -11.64
N PRO B 287 7.21 -1.26 -12.83
CA PRO B 287 7.35 -2.18 -13.98
C PRO B 287 8.81 -2.41 -14.37
N PHE B 288 9.64 -1.37 -14.28
CA PHE B 288 11.06 -1.51 -14.57
C PHE B 288 11.72 -2.51 -13.61
N TYR B 289 11.36 -2.47 -12.33
CA TYR B 289 11.95 -3.41 -11.38
C TYR B 289 11.55 -4.85 -11.68
N LEU B 290 10.29 -5.06 -12.05
CA LEU B 290 9.79 -6.42 -12.29
C LEU B 290 10.36 -7.00 -13.59
N SER B 291 10.44 -6.18 -14.64
CA SER B 291 10.88 -6.71 -15.92
C SER B 291 12.40 -6.88 -15.99
N GLN B 292 13.19 -6.03 -15.35
CA GLN B 292 14.64 -6.09 -15.45
C GLN B 292 15.35 -6.56 -14.18
N LEU B 293 14.96 -6.06 -13.02
CA LEU B 293 15.79 -6.25 -11.83
C LEU B 293 15.42 -7.48 -11.00
N GLU B 294 14.13 -7.76 -10.83
CA GLU B 294 13.75 -8.88 -9.95
C GLU B 294 14.21 -10.21 -10.53
I IOD C . 2.68 -5.16 8.03
C10 GO4 D . -12.11 0.67 -8.87
C15 GO4 D . -13.58 1.12 -7.06
C17 GO4 D . -13.69 -1.96 -13.83
C20 GO4 D . -14.24 -3.64 -15.94
C21 GO4 D . -13.00 -3.68 -15.35
C22 GO4 D . -12.01 -4.51 -15.86
C24 GO4 D . -11.08 -6.43 -16.91
C26 GO4 D . -9.72 -7.83 -17.76
C28 GO4 D . -9.65 -10.09 -19.09
C1 GO4 D . -16.99 -0.67 -14.10
C3 GO4 D . -14.96 -0.46 -12.87
C4 GO4 D . -13.73 -0.99 -12.82
C5 GO4 D . -12.63 -0.60 -11.84
C8 GO4 D . -11.60 0.96 -10.27
C9 GO4 D . -11.20 2.41 -10.39
C11 GO4 D . -11.55 -0.35 -8.17
C12 GO4 D . -11.98 -0.63 -6.91
C14 GO4 D . -13.00 0.11 -6.35
C16 GO4 D . -13.14 1.38 -8.32
C18 GO4 D . -14.90 -1.91 -14.41
C19 GO4 D . -15.19 -2.78 -15.48
C23 GO4 D . -12.18 -5.76 -16.37
C30 GO4 D . -8.66 -11.15 -19.66
C31 GO4 D . -8.98 -11.74 -21.03
C32 GO4 D . -9.10 -12.62 -19.79
C35 GO4 D . -9.74 -4.69 -16.45
C36 GO4 D . -10.76 -3.99 -15.93
C37 GO4 D . -12.72 -2.84 -14.32
F13 GO4 D . -11.44 -1.60 -6.25
N2 GO4 D . -15.61 -1.00 -13.81
N7 GO4 D . -12.62 0.65 -11.20
N25 GO4 D . -10.95 -7.63 -17.41
N27 GO4 D . -9.08 -8.98 -18.36
N33 GO4 D . -9.08 -6.74 -17.46
N34 GO4 D . -9.95 -5.89 -16.90
O6 GO4 D . -11.79 -1.34 -11.58
O29 GO4 D . -10.80 -10.20 -19.23
H151 GO4 D . -14.28 1.61 -6.70
H201 GO4 D . -14.43 -4.20 -16.66
H012 GO4 D . -17.37 -1.37 -14.59
H013 GO4 D . -17.02 0.13 -14.59
H011 GO4 D . -17.46 -0.56 -13.29
H031 GO4 D . -15.28 0.20 -12.30
H081 GO4 D . -10.86 0.42 -10.44
H092 GO4 D . -11.95 2.96 -10.27
H093 GO4 D . -10.82 2.56 -11.23
H091 GO4 D . -10.56 2.61 -9.72
H111 GO4 D . -10.85 -0.84 -8.55
H141 GO4 D . -13.30 -0.10 -5.50
H161 GO4 D . -13.52 2.08 -8.80
H191 GO4 D . -16.03 -2.75 -15.88
H231 GO4 D . -13.01 -6.17 -16.36
H301 GO4 D . -7.74 -11.03 -19.48
H311 GO4 D . -9.78 -11.47 -21.41
H312 GO4 D . -8.22 -11.92 -21.57
H321 GO4 D . -8.42 -13.25 -19.68
H322 GO4 D . -9.98 -12.79 -19.52
H351 GO4 D . -8.89 -4.32 -16.48
H361 GO4 D . -10.60 -3.13 -15.62
H371 GO4 D . -11.88 -2.86 -13.93
H071 GO4 D . -13.25 1.23 -11.36
H271 GO4 D . -8.20 -8.98 -18.32
I IOD E . 2.15 1.01 -9.59
C10 GO4 F . 7.97 7.40 12.11
C15 GO4 F . 7.62 9.61 11.27
C17 GO4 F . 12.29 5.97 15.64
C20 GO4 F . 14.55 5.04 16.93
C21 GO4 F . 14.02 4.27 15.91
C22 GO4 F . 14.56 3.02 15.61
C24 GO4 F . 16.22 1.34 15.28
C26 GO4 F . 17.25 -0.52 14.92
C28 GO4 F . 19.65 -1.32 15.19
C1 GO4 F . 12.42 8.81 17.74
C3 GO4 F . 11.13 7.81 15.96
C4 GO4 F . 11.18 6.70 15.20
C5 GO4 F . 10.21 6.34 14.09
C8 GO4 F . 7.92 6.38 13.21
C9 GO4 F . 6.53 6.25 13.80
C11 GO4 F . 8.43 7.02 10.91
C12 GO4 F . 8.49 7.91 9.88
C14 GO4 F . 8.08 9.22 10.05
C16 GO4 F . 7.57 8.71 12.29
C18 GO4 F . 12.82 6.69 16.62
C19 GO4 F . 13.98 6.23 17.27
C23 GO4 F . 15.88 2.68 15.57
C30 GO4 F . 20.91 -2.17 15.01
C31 GO4 F . 20.89 -3.53 14.36
C32 GO4 F . 21.08 -3.41 15.86
C35 GO4 F . 14.07 0.75 15.11
C36 GO4 F . 13.67 2.01 15.38
C37 GO4 F . 12.87 4.74 15.29
F13 GO4 F . 8.93 7.51 8.72
N2 GO4 F . 12.10 7.77 16.79
N7 GO4 F . 8.85 6.73 14.19
N25 GO4 F . 17.37 0.72 15.17
N27 GO4 F . 18.31 -1.48 14.69
N33 GO4 F . 15.97 -0.71 14.83
N34 GO4 F . 15.35 0.45 15.08
O6 GO4 F . 10.57 5.74 13.21
O29 GO4 F . 19.83 -0.40 15.80
H151 GO4 F . 7.34 10.49 11.41
H201 GO4 F . 15.30 4.73 17.38
H012 GO4 F . 13.31 9.06 17.64
H013 GO4 F . 12.29 8.48 18.61
H011 GO4 F . 11.86 9.54 17.60
H031 GO4 F . 10.51 8.51 15.89
H081 GO4 F . 8.17 5.54 12.84
H092 GO4 F . 6.25 7.10 14.09
H093 GO4 F . 6.56 5.65 14.52
H091 GO4 F . 5.94 5.94 13.14
H111 GO4 F . 8.70 6.15 10.77
H141 GO4 F . 8.13 9.83 9.34
H161 GO4 F . 7.25 8.97 13.12
H191 GO4 F . 14.34 6.74 17.97
H231 GO4 F . 16.55 3.31 15.73
H301 GO4 F . 21.71 -1.70 14.87
H311 GO4 F . 20.05 -3.83 14.08
H312 GO4 F . 21.66 -3.75 13.86
H321 GO4 F . 21.96 -3.57 16.17
H322 GO4 F . 20.36 -3.66 16.38
H351 GO4 F . 13.44 0.08 14.95
H361 GO4 F . 12.76 2.19 15.41
H371 GO4 F . 12.49 4.24 14.60
H071 GO4 F . 8.59 7.18 14.89
H271 GO4 F . 18.13 -2.16 14.19
#